data_6HL8
#
_entry.id   6HL8
#
_cell.length_a   120.800
_cell.length_b   120.800
_cell.length_c   136.430
_cell.angle_alpha   90.00
_cell.angle_beta   90.00
_cell.angle_gamma   90.00
#
_symmetry.space_group_name_H-M   'P 4 21 2'
#
loop_
_entity.id
_entity.type
_entity.pdbx_description
1 polymer 'Protein CsiD'
2 non-polymer 'FE (II) ION'
3 non-polymer 'GLUTARIC ACID'
4 water water
#
_entity_poly.entity_id   1
_entity_poly.type   'polypeptide(L)'
_entity_poly.pdbx_seq_one_letter_code
;MGSSHHHHHHSSGLVPRGSHMNALTAVQNNAVDSGQDYSGFTLTPSAQSPRLLELTFTEQTTKQFLEQVAEWPVQALEYK
SFLRFRVAKILDDLCANQLQPLLLKTLLNRAEGALLINAVGVDDVKQADEMVKLATAVAHLIGRSNFDAMSGQYYARFVV
KNVDNSDSYLRQPHRVMELHNDGTYVEEITDYVLMMKIDEQNMQGGNSLLLHLDDWEHLDNYFRHPLARRPMRFAAPPSK
NVSKDVFHPVFDVDQQGRPVMRYIDQFVQPKDFEEGVWLSELSDAIETSKGILSVPVPVGKFLLINNLFWLHGRDRFTPH
PDLRRELMRQRGYFAYASNHYQTHQLEHHHHHH
;
_entity_poly.pdbx_strand_id   A,B
#
loop_
_chem_comp.id
_chem_comp.type
_chem_comp.name
_chem_comp.formula
FE2 non-polymer 'FE (II) ION' 'Fe 2'
GUA non-polymer 'GLUTARIC ACID' 'C5 H8 O4'
#
# COMPACT_ATOMS: atom_id res chain seq x y z
N GLN A 36 11.23 -6.53 -34.02
CA GLN A 36 10.95 -5.46 -34.98
C GLN A 36 12.24 -4.69 -35.32
N ASP A 37 12.22 -4.00 -36.46
CA ASP A 37 13.35 -3.22 -36.95
C ASP A 37 13.12 -1.74 -36.62
N TYR A 38 13.94 -1.21 -35.72
CA TYR A 38 14.01 0.20 -35.33
C TYR A 38 15.17 0.87 -36.06
N SER A 39 15.33 2.17 -35.82
CA SER A 39 16.38 2.95 -36.47
C SER A 39 17.66 2.87 -35.64
N GLY A 40 18.66 2.15 -36.13
CA GLY A 40 19.96 2.05 -35.51
C GLY A 40 20.18 0.85 -34.63
N PHE A 41 19.13 0.08 -34.34
CA PHE A 41 19.25 -1.10 -33.48
C PHE A 41 18.14 -2.07 -33.84
N THR A 42 18.28 -3.30 -33.34
CA THR A 42 17.24 -4.33 -33.45
C THR A 42 16.83 -4.77 -32.05
N LEU A 43 15.61 -5.32 -31.96
CA LEU A 43 15.05 -5.68 -30.67
C LEU A 43 14.41 -7.06 -30.80
N THR A 44 14.73 -7.95 -29.86
CA THR A 44 14.18 -9.30 -29.99
C THR A 44 14.02 -9.96 -28.64
N PRO A 45 12.97 -10.77 -28.43
CA PRO A 45 12.80 -11.41 -27.12
C PRO A 45 13.90 -12.41 -26.88
N SER A 46 14.26 -12.56 -25.61
CA SER A 46 15.29 -13.48 -25.19
C SER A 46 14.75 -14.92 -25.21
N ALA A 47 15.69 -15.88 -25.19
CA ALA A 47 15.32 -17.29 -25.10
C ALA A 47 14.84 -17.69 -23.71
N GLN A 48 15.11 -16.89 -22.69
CA GLN A 48 14.74 -17.24 -21.33
C GLN A 48 13.34 -16.78 -20.97
N SER A 49 12.89 -15.66 -21.57
CA SER A 49 11.66 -15.01 -21.15
C SER A 49 11.21 -13.91 -22.12
N PRO A 50 9.92 -13.86 -22.46
CA PRO A 50 9.41 -12.70 -23.22
C PRO A 50 9.50 -11.39 -22.48
N ARG A 51 9.68 -11.41 -21.15
CA ARG A 51 9.84 -10.18 -20.37
C ARG A 51 11.19 -9.52 -20.60
N LEU A 52 12.20 -10.28 -21.03
CA LEU A 52 13.56 -9.79 -21.21
C LEU A 52 13.81 -9.60 -22.71
N LEU A 53 14.04 -8.37 -23.12
CA LEU A 53 14.27 -8.09 -24.53
C LEU A 53 15.75 -7.83 -24.79
N GLU A 54 16.24 -8.29 -25.93
CA GLU A 54 17.62 -8.11 -26.32
C GLU A 54 17.70 -7.01 -27.36
N LEU A 55 18.45 -5.97 -27.05
CA LEU A 55 18.61 -4.78 -27.88
C LEU A 55 20.05 -4.76 -28.38
N THR A 56 20.21 -4.71 -29.69
CA THR A 56 21.53 -4.75 -30.31
C THR A 56 21.71 -3.53 -31.20
N PHE A 57 22.71 -2.71 -30.90
CA PHE A 57 23.07 -1.61 -31.79
C PHE A 57 23.85 -2.15 -32.99
N THR A 58 23.47 -1.69 -34.18
CA THR A 58 24.13 -2.14 -35.39
C THR A 58 25.58 -1.67 -35.41
N GLU A 59 26.37 -2.33 -36.24
CA GLU A 59 27.77 -1.94 -36.40
C GLU A 59 27.88 -0.48 -36.83
N GLN A 60 27.09 -0.09 -37.83
CA GLN A 60 27.10 1.29 -38.32
C GLN A 60 26.84 2.25 -37.17
N THR A 61 25.78 2.00 -36.40
CA THR A 61 25.48 2.86 -35.24
C THR A 61 26.62 2.84 -34.24
N THR A 62 27.18 1.66 -33.97
CA THR A 62 28.24 1.55 -32.96
C THR A 62 29.47 2.37 -33.36
N LYS A 63 29.95 2.22 -34.61
CA LYS A 63 31.17 2.95 -34.99
C LYS A 63 30.93 4.46 -35.04
N GLN A 64 29.74 4.90 -35.47
CA GLN A 64 29.43 6.32 -35.47
C GLN A 64 29.45 6.89 -34.05
N PHE A 65 28.81 6.17 -33.12
CA PHE A 65 28.79 6.60 -31.72
C PHE A 65 30.20 6.72 -31.15
N LEU A 66 31.01 5.67 -31.33
CA LEU A 66 32.36 5.71 -30.79
C LEU A 66 33.17 6.83 -31.41
N GLU A 67 32.95 7.12 -32.69
CA GLU A 67 33.64 8.24 -33.32
C GLU A 67 33.20 9.55 -32.70
N GLN A 68 31.89 9.73 -32.54
CA GLN A 68 31.39 11.03 -32.09
C GLN A 68 31.63 11.26 -30.61
N VAL A 69 32.02 10.24 -29.84
CA VAL A 69 32.34 10.42 -28.43
C VAL A 69 33.82 10.15 -28.16
N ALA A 70 34.63 10.00 -29.20
CA ALA A 70 36.06 9.75 -28.99
C ALA A 70 36.71 10.93 -28.27
N GLU A 71 36.13 12.12 -28.38
CA GLU A 71 36.71 13.32 -27.81
C GLU A 71 36.76 13.29 -26.28
N TRP A 72 35.86 12.54 -25.64
CA TRP A 72 35.77 12.51 -24.19
C TRP A 72 36.15 11.14 -23.67
N PRO A 73 37.30 10.95 -23.03
CA PRO A 73 37.61 9.67 -22.40
C PRO A 73 36.74 9.44 -21.18
N VAL A 74 36.75 8.19 -20.69
CA VAL A 74 35.94 7.83 -19.53
C VAL A 74 36.25 8.74 -18.35
N GLN A 75 37.52 9.14 -18.20
CA GLN A 75 37.88 10.04 -17.11
C GLN A 75 37.18 11.39 -17.25
N ALA A 76 36.90 11.81 -18.47
CA ALA A 76 36.10 13.02 -18.64
C ALA A 76 34.66 12.81 -18.12
N LEU A 77 34.08 11.64 -18.37
CA LEU A 77 32.75 11.35 -17.82
C LEU A 77 32.76 11.26 -16.29
N GLU A 78 33.86 10.78 -15.71
CA GLU A 78 33.93 10.68 -14.25
C GLU A 78 33.92 12.06 -13.59
N TYR A 79 34.57 13.04 -14.22
CA TYR A 79 34.77 14.34 -13.61
C TYR A 79 33.65 15.34 -13.90
N LYS A 80 33.00 15.22 -15.06
CA LYS A 80 32.04 16.22 -15.54
C LYS A 80 30.74 15.47 -15.87
N SER A 81 29.80 15.44 -14.91
CA SER A 81 28.65 14.53 -15.06
C SER A 81 27.76 14.89 -16.24
N PHE A 82 27.72 16.16 -16.67
CA PHE A 82 26.83 16.49 -17.79
C PHE A 82 27.25 15.79 -19.06
N LEU A 83 28.53 15.43 -19.18
CA LEU A 83 29.02 14.66 -20.32
C LEU A 83 28.38 13.29 -20.40
N ARG A 84 27.95 12.72 -19.28
CA ARG A 84 27.17 11.48 -19.34
C ARG A 84 25.89 11.69 -20.12
N PHE A 85 25.26 12.86 -19.96
CA PHE A 85 24.05 13.15 -20.71
C PHE A 85 24.36 13.53 -22.15
N ARG A 86 25.52 14.15 -22.39
CA ARG A 86 25.92 14.48 -23.76
C ARG A 86 26.11 13.20 -24.59
N VAL A 87 26.79 12.19 -24.05
CA VAL A 87 26.98 10.98 -24.84
C VAL A 87 25.68 10.21 -24.95
N ALA A 88 24.77 10.37 -23.98
CA ALA A 88 23.45 9.79 -24.13
C ALA A 88 22.72 10.40 -25.32
N LYS A 89 22.78 11.73 -25.44
CA LYS A 89 22.10 12.38 -26.54
C LYS A 89 22.65 11.93 -27.89
N ILE A 90 23.99 11.87 -28.01
CA ILE A 90 24.63 11.49 -29.26
C ILE A 90 24.14 10.13 -29.71
N LEU A 91 24.10 9.17 -28.78
CA LEU A 91 23.64 7.83 -29.09
C LEU A 91 22.20 7.84 -29.57
N ASP A 92 21.32 8.53 -28.83
CA ASP A 92 19.91 8.58 -29.19
C ASP A 92 19.67 9.33 -30.49
N ASP A 93 20.41 10.44 -30.71
CA ASP A 93 20.32 11.12 -32.00
C ASP A 93 20.72 10.19 -33.14
N LEU A 94 21.75 9.35 -32.92
CA LEU A 94 22.15 8.40 -33.96
C LEU A 94 21.11 7.33 -34.21
N CYS A 95 20.13 7.19 -33.32
CA CYS A 95 19.02 6.25 -33.49
C CYS A 95 17.74 6.95 -33.90
N ALA A 96 17.86 8.10 -34.56
CA ALA A 96 16.70 8.87 -35.02
C ALA A 96 15.72 9.13 -33.87
N ASN A 97 16.27 9.29 -32.66
CA ASN A 97 15.50 9.60 -31.46
C ASN A 97 14.46 8.54 -31.13
N GLN A 98 14.68 7.32 -31.61
CA GLN A 98 13.85 6.17 -31.27
C GLN A 98 14.34 5.41 -30.04
N LEU A 99 15.57 5.63 -29.58
CA LEU A 99 16.11 4.80 -28.51
C LEU A 99 15.51 5.15 -27.15
N GLN A 100 15.62 6.40 -26.73
CA GLN A 100 15.10 6.83 -25.43
C GLN A 100 13.65 6.43 -25.19
N PRO A 101 12.70 6.70 -26.10
CA PRO A 101 11.32 6.28 -25.82
C PRO A 101 11.16 4.78 -25.73
N LEU A 102 11.96 4.03 -26.51
CA LEU A 102 11.90 2.57 -26.45
C LEU A 102 12.45 2.06 -25.13
N LEU A 103 13.56 2.64 -24.66
CA LEU A 103 14.13 2.23 -23.40
C LEU A 103 13.14 2.47 -22.27
N LEU A 104 12.55 3.67 -22.23
CA LEU A 104 11.60 4.02 -21.18
C LEU A 104 10.36 3.14 -21.21
N LYS A 105 9.76 2.98 -22.40
CA LYS A 105 8.56 2.15 -22.49
C LYS A 105 8.85 0.71 -22.01
N THR A 106 10.02 0.15 -22.37
CA THR A 106 10.32 -1.22 -21.98
C THR A 106 10.55 -1.34 -20.45
N LEU A 107 11.40 -0.47 -19.90
CA LEU A 107 11.75 -0.53 -18.48
C LEU A 107 10.57 -0.18 -17.57
N LEU A 108 9.68 0.69 -18.03
CA LEU A 108 8.53 1.05 -17.22
C LEU A 108 7.38 0.07 -17.37
N ASN A 109 7.41 -0.81 -18.37
CA ASN A 109 6.32 -1.74 -18.59
C ASN A 109 6.39 -2.89 -17.58
N ARG A 110 5.37 -2.99 -16.73
CA ARG A 110 5.32 -4.07 -15.75
C ARG A 110 5.45 -5.45 -16.41
N ALA A 111 4.94 -5.60 -17.62
CA ALA A 111 5.03 -6.89 -18.28
C ALA A 111 6.46 -7.24 -18.72
N GLU A 112 7.34 -6.23 -18.81
CA GLU A 112 8.70 -6.44 -19.29
C GLU A 112 9.66 -5.96 -18.22
N GLY A 113 10.26 -4.79 -18.39
CA GLY A 113 11.13 -4.18 -17.40
C GLY A 113 12.58 -4.63 -17.43
N ALA A 114 13.02 -5.37 -18.44
CA ALA A 114 14.39 -5.85 -18.44
C ALA A 114 14.91 -5.89 -19.88
N LEU A 115 16.13 -5.39 -20.06
CA LEU A 115 16.82 -5.42 -21.34
C LEU A 115 18.22 -6.03 -21.21
N LEU A 116 18.62 -6.78 -22.24
CA LEU A 116 20.01 -7.20 -22.42
C LEU A 116 20.51 -6.51 -23.67
N ILE A 117 21.50 -5.65 -23.51
CA ILE A 117 21.88 -4.68 -24.54
C ILE A 117 23.31 -4.95 -24.97
N ASN A 118 23.58 -4.82 -26.26
CA ASN A 118 24.93 -4.93 -26.77
C ASN A 118 25.06 -4.09 -28.03
N ALA A 119 26.29 -3.93 -28.48
CA ALA A 119 26.59 -3.20 -29.71
C ALA A 119 27.49 -4.07 -30.57
N VAL A 120 27.12 -4.27 -31.84
CA VAL A 120 27.92 -5.14 -32.71
C VAL A 120 29.33 -4.59 -32.83
N GLY A 121 30.33 -5.43 -32.57
CA GLY A 121 31.71 -5.02 -32.69
C GLY A 121 32.37 -4.62 -31.39
N VAL A 122 31.61 -4.54 -30.30
CA VAL A 122 32.16 -4.26 -28.98
C VAL A 122 31.97 -5.52 -28.14
N ASP A 123 33.05 -6.29 -28.01
CA ASP A 123 32.93 -7.63 -27.40
C ASP A 123 34.24 -8.14 -26.83
N ASP A 124 35.20 -7.28 -26.51
CA ASP A 124 36.49 -7.73 -26.01
C ASP A 124 36.89 -6.80 -24.89
N VAL A 125 37.59 -7.36 -23.89
CA VAL A 125 37.96 -6.59 -22.70
C VAL A 125 38.82 -5.38 -23.07
N LYS A 126 39.57 -5.46 -24.18
CA LYS A 126 40.37 -4.33 -24.64
C LYS A 126 39.50 -3.11 -24.94
N GLN A 127 38.19 -3.30 -25.14
CA GLN A 127 37.28 -2.19 -25.39
C GLN A 127 36.50 -1.79 -24.14
N ALA A 128 37.10 -1.99 -22.97
CA ALA A 128 36.37 -1.73 -21.72
C ALA A 128 35.86 -0.30 -21.67
N ASP A 129 36.70 0.67 -22.05
CA ASP A 129 36.30 2.07 -22.00
C ASP A 129 35.10 2.34 -22.92
N GLU A 130 35.15 1.78 -24.12
CA GLU A 130 34.01 1.88 -25.03
C GLU A 130 32.76 1.29 -24.42
N MET A 131 32.91 0.18 -23.71
CA MET A 131 31.76 -0.43 -23.02
C MET A 131 31.18 0.54 -21.99
N VAL A 132 32.04 1.13 -21.18
CA VAL A 132 31.58 2.07 -20.18
C VAL A 132 30.90 3.26 -20.85
N LYS A 133 31.46 3.76 -21.95
CA LYS A 133 30.81 4.89 -22.65
C LYS A 133 29.43 4.51 -23.12
N LEU A 134 29.31 3.33 -23.71
CA LEU A 134 28.04 2.92 -24.28
C LEU A 134 26.99 2.71 -23.18
N ALA A 135 27.36 2.04 -22.09
CA ALA A 135 26.44 1.82 -20.98
C ALA A 135 26.05 3.13 -20.33
N THR A 136 27.00 4.06 -20.23
CA THR A 136 26.72 5.38 -19.70
C THR A 136 25.67 6.10 -20.54
N ALA A 137 25.84 6.06 -21.87
CA ALA A 137 24.89 6.72 -22.76
C ALA A 137 23.50 6.13 -22.63
N VAL A 138 23.40 4.81 -22.55
CA VAL A 138 22.09 4.17 -22.45
C VAL A 138 21.43 4.53 -21.12
N ALA A 139 22.19 4.48 -20.03
CA ALA A 139 21.59 4.75 -18.72
C ALA A 139 21.08 6.17 -18.61
N HIS A 140 21.83 7.13 -19.15
CA HIS A 140 21.51 8.53 -18.94
C HIS A 140 20.50 9.06 -19.95
N LEU A 141 20.04 8.20 -20.85
CA LEU A 141 18.82 8.47 -21.57
C LEU A 141 17.57 8.23 -20.71
N ILE A 142 17.66 7.40 -19.67
CA ILE A 142 16.47 7.06 -18.89
C ILE A 142 16.56 7.51 -17.45
N GLY A 143 17.70 8.04 -17.02
CA GLY A 143 17.84 8.51 -15.66
C GLY A 143 19.23 9.04 -15.36
N ARG A 144 19.69 8.87 -14.11
CA ARG A 144 21.03 9.25 -13.71
C ARG A 144 21.60 8.15 -12.81
N SER A 145 22.87 7.80 -13.03
CA SER A 145 23.54 6.79 -12.21
C SER A 145 24.11 7.40 -10.93
N ASN A 146 23.90 6.72 -9.82
CA ASN A 146 24.32 7.26 -8.53
C ASN A 146 25.77 6.93 -8.22
N PHE A 147 26.32 7.74 -7.31
CA PHE A 147 27.66 7.54 -6.77
C PHE A 147 27.79 6.12 -6.21
N ASP A 148 28.92 5.49 -6.50
CA ASP A 148 29.20 4.14 -6.03
C ASP A 148 30.29 4.22 -4.98
N ALA A 149 29.93 3.89 -3.74
CA ALA A 149 30.90 4.00 -2.64
C ALA A 149 32.09 3.07 -2.82
N MET A 150 31.94 2.02 -3.63
CA MET A 150 33.04 1.07 -3.80
C MET A 150 34.07 1.58 -4.80
N SER A 151 33.66 2.43 -5.73
CA SER A 151 34.61 2.96 -6.69
C SER A 151 34.87 4.43 -6.51
N GLY A 152 33.98 5.15 -5.82
CA GLY A 152 34.06 6.60 -5.79
C GLY A 152 33.68 7.26 -7.10
N GLN A 153 33.00 6.54 -7.99
CA GLN A 153 32.58 7.09 -9.27
C GLN A 153 31.11 6.76 -9.52
N TYR A 154 30.60 7.21 -10.66
CA TYR A 154 29.21 6.91 -11.00
C TYR A 154 29.05 5.48 -11.49
N TYR A 155 30.14 4.72 -11.62
CA TYR A 155 30.12 3.30 -11.94
C TYR A 155 31.23 2.62 -11.16
N ALA A 156 31.23 1.29 -11.17
CA ALA A 156 32.28 0.52 -10.51
C ALA A 156 32.66 -0.69 -11.35
N ARG A 157 33.96 -0.95 -11.46
CA ARG A 157 34.47 -2.15 -12.13
C ARG A 157 35.07 -3.10 -11.09
N PHE A 158 34.70 -4.38 -11.16
CA PHE A 158 35.17 -5.45 -10.29
C PHE A 158 35.77 -6.59 -11.09
N VAL A 159 36.88 -7.13 -10.60
CA VAL A 159 37.49 -8.32 -11.17
C VAL A 159 37.30 -9.47 -10.21
N VAL A 160 36.92 -10.62 -10.74
CA VAL A 160 36.89 -11.87 -9.99
C VAL A 160 38.01 -12.76 -10.50
N LYS A 161 38.81 -13.30 -9.59
CA LYS A 161 39.86 -14.26 -9.95
C LYS A 161 39.92 -15.41 -8.94
N HIS A 174 31.96 -18.09 -5.36
CA HIS A 174 31.68 -19.03 -6.44
C HIS A 174 30.43 -19.85 -6.16
N ARG A 175 29.81 -19.61 -5.01
CA ARG A 175 28.47 -20.11 -4.72
C ARG A 175 27.44 -19.08 -5.16
N VAL A 176 26.17 -19.46 -5.13
CA VAL A 176 25.16 -18.55 -5.63
C VAL A 176 25.13 -17.27 -4.81
N MET A 177 25.01 -16.13 -5.49
CA MET A 177 24.61 -14.86 -4.91
C MET A 177 23.09 -14.77 -4.96
N GLU A 178 22.47 -14.69 -3.79
CA GLU A 178 21.02 -14.79 -3.72
C GLU A 178 20.35 -13.60 -4.38
N LEU A 179 19.13 -13.83 -4.85
CA LEU A 179 18.33 -12.82 -5.51
C LEU A 179 17.98 -11.70 -4.54
N HIS A 180 18.00 -10.46 -5.03
CA HIS A 180 17.81 -9.28 -4.20
C HIS A 180 17.51 -8.09 -5.09
N ASN A 181 17.09 -7.00 -4.47
CA ASN A 181 17.03 -5.66 -5.06
C ASN A 181 18.23 -4.86 -4.57
N ASP A 182 18.71 -3.93 -5.40
CA ASP A 182 19.76 -3.04 -4.93
C ASP A 182 19.18 -1.84 -4.21
N GLY A 183 20.04 -1.16 -3.46
CA GLY A 183 19.69 0.10 -2.84
C GLY A 183 18.78 0.02 -1.63
N THR A 184 18.71 -1.12 -0.95
CA THR A 184 17.75 -1.25 0.14
C THR A 184 18.19 -0.56 1.43
N TYR A 185 19.44 -0.13 1.54
CA TYR A 185 19.98 0.44 2.78
C TYR A 185 20.08 1.96 2.75
N VAL A 186 19.47 2.63 1.75
CA VAL A 186 19.35 4.08 1.73
C VAL A 186 17.89 4.45 1.56
N GLU A 187 17.57 5.72 1.84
CA GLU A 187 16.18 6.16 1.81
C GLU A 187 15.66 6.28 0.38
N GLU A 188 16.47 6.82 -0.53
CA GLU A 188 16.06 6.99 -1.93
C GLU A 188 15.92 5.65 -2.65
N ILE A 189 14.94 5.59 -3.55
CA ILE A 189 14.67 4.39 -4.33
C ILE A 189 15.66 4.32 -5.49
N THR A 190 16.26 3.14 -5.66
CA THR A 190 17.02 2.78 -6.86
C THR A 190 16.05 2.15 -7.86
N ASP A 191 15.84 2.81 -9.00
CA ASP A 191 14.90 2.30 -10.02
C ASP A 191 15.53 1.29 -10.98
N TYR A 192 16.83 1.36 -11.21
CA TYR A 192 17.45 0.52 -12.23
C TYR A 192 18.80 0.02 -11.78
N VAL A 193 19.11 -1.20 -12.20
CA VAL A 193 20.40 -1.83 -12.02
C VAL A 193 20.96 -2.15 -13.39
N LEU A 194 22.22 -1.78 -13.61
CA LEU A 194 22.90 -2.02 -14.88
C LEU A 194 24.14 -2.84 -14.58
N MET A 195 24.25 -4.02 -15.21
CA MET A 195 25.36 -4.92 -14.96
C MET A 195 25.93 -5.42 -16.28
N MET A 196 27.20 -5.12 -16.52
CA MET A 196 27.86 -5.38 -17.79
C MET A 196 29.03 -6.34 -17.61
N LYS A 197 29.17 -7.28 -18.53
CA LYS A 197 30.30 -8.20 -18.55
C LYS A 197 31.46 -7.56 -19.30
N ILE A 198 32.52 -7.22 -18.59
CA ILE A 198 33.67 -6.61 -19.24
C ILE A 198 34.66 -7.66 -19.73
N ASP A 199 34.85 -8.73 -18.97
CA ASP A 199 35.79 -9.76 -19.37
C ASP A 199 35.31 -11.09 -18.82
N GLU A 200 35.73 -12.17 -19.48
CA GLU A 200 35.27 -13.51 -19.14
C GLU A 200 36.27 -14.53 -19.67
N GLN A 201 36.98 -15.20 -18.76
CA GLN A 201 38.02 -16.15 -19.15
C GLN A 201 37.90 -17.42 -18.33
N ASN A 202 37.87 -18.56 -19.01
CA ASN A 202 37.79 -19.86 -18.35
C ASN A 202 36.70 -19.86 -17.29
N MET A 203 35.54 -19.37 -17.70
CA MET A 203 34.40 -19.17 -16.80
C MET A 203 33.35 -20.21 -17.18
N GLN A 204 33.10 -21.13 -16.27
CA GLN A 204 32.01 -22.09 -16.39
C GLN A 204 30.93 -21.70 -15.40
N GLY A 205 29.72 -21.47 -15.90
CA GLY A 205 28.63 -21.07 -15.04
C GLY A 205 28.64 -19.58 -14.81
N GLY A 206 28.05 -19.19 -13.67
CA GLY A 206 27.99 -17.78 -13.30
C GLY A 206 27.00 -16.93 -14.08
N ASN A 207 25.95 -17.52 -14.63
CA ASN A 207 24.91 -16.72 -15.26
C ASN A 207 24.32 -15.71 -14.27
N SER A 208 23.83 -14.62 -14.82
CA SER A 208 22.97 -13.76 -14.04
C SER A 208 21.67 -14.50 -13.76
N LEU A 209 21.19 -14.38 -12.54
CA LEU A 209 19.90 -14.90 -12.13
C LEU A 209 18.93 -13.73 -12.04
N LEU A 210 17.73 -13.92 -12.58
CA LEU A 210 16.69 -12.89 -12.59
C LEU A 210 15.37 -13.50 -12.16
N LEU A 211 14.57 -12.73 -11.42
CA LEU A 211 13.22 -13.15 -11.04
C LEU A 211 12.30 -11.94 -11.14
N HIS A 212 11.36 -12.00 -12.08
CA HIS A 212 10.26 -11.04 -12.17
C HIS A 212 9.20 -11.42 -11.14
N LEU A 213 8.76 -10.46 -10.32
CA LEU A 213 7.80 -10.79 -9.26
C LEU A 213 6.52 -11.45 -9.80
N ASP A 214 6.12 -11.13 -11.03
CA ASP A 214 4.93 -11.76 -11.58
C ASP A 214 5.19 -13.18 -12.07
N ASP A 215 6.43 -13.69 -11.97
CA ASP A 215 6.76 -15.10 -12.24
C ASP A 215 6.99 -15.89 -10.98
N TRP A 216 6.89 -15.26 -9.82
CA TRP A 216 7.18 -15.89 -8.54
C TRP A 216 5.89 -16.53 -7.98
N GLU A 217 5.85 -17.85 -7.99
CA GLU A 217 4.65 -18.57 -7.57
C GLU A 217 4.28 -18.34 -6.10
N HIS A 218 5.14 -17.75 -5.29
CA HIS A 218 4.84 -17.52 -3.88
C HIS A 218 4.53 -16.06 -3.58
N LEU A 219 4.35 -15.24 -4.62
CA LEU A 219 4.14 -13.82 -4.41
C LEU A 219 2.97 -13.56 -3.48
N ASP A 220 1.81 -14.15 -3.78
CA ASP A 220 0.62 -13.76 -3.04
C ASP A 220 0.71 -14.23 -1.59
N ASN A 221 1.34 -15.37 -1.35
CA ASN A 221 1.44 -15.90 0.01
C ASN A 221 2.25 -14.97 0.90
N TYR A 222 3.37 -14.45 0.39
CA TYR A 222 4.20 -13.57 1.22
C TYR A 222 3.70 -12.14 1.22
N PHE A 223 3.20 -11.66 0.07
CA PHE A 223 2.70 -10.29 -0.01
C PHE A 223 1.48 -10.09 0.88
N ARG A 224 0.64 -11.11 1.03
CA ARG A 224 -0.57 -10.95 1.84
C ARG A 224 -0.29 -11.15 3.32
N HIS A 225 0.95 -11.48 3.68
CA HIS A 225 1.27 -11.66 5.08
C HIS A 225 1.41 -10.30 5.75
N PRO A 226 0.98 -10.15 7.00
CA PRO A 226 1.13 -8.85 7.68
C PRO A 226 2.57 -8.34 7.72
N LEU A 227 3.56 -9.22 7.84
CA LEU A 227 4.95 -8.75 7.93
C LEU A 227 5.43 -8.15 6.62
N ALA A 228 4.72 -8.41 5.52
CA ALA A 228 5.07 -7.81 4.24
C ALA A 228 5.00 -6.28 4.30
N ARG A 229 4.17 -5.74 5.19
CA ARG A 229 3.94 -4.31 5.31
C ARG A 229 4.63 -3.71 6.53
N ARG A 230 5.25 -4.54 7.33
CA ARG A 230 6.03 -4.09 8.49
C ARG A 230 7.32 -3.39 8.05
N PRO A 231 7.54 -2.15 8.44
CA PRO A 231 8.85 -1.54 8.16
C PRO A 231 9.93 -2.22 8.98
N MET A 232 11.00 -2.62 8.33
CA MET A 232 12.09 -3.28 9.03
C MET A 232 13.37 -2.47 8.86
N ARG A 233 14.33 -2.74 9.75
CA ARG A 233 15.60 -2.05 9.72
C ARG A 233 16.51 -2.64 8.66
N PHE A 234 17.12 -1.78 7.85
CA PHE A 234 18.14 -2.14 6.87
C PHE A 234 19.44 -1.43 7.20
N ALA A 235 20.55 -2.15 7.17
CA ALA A 235 21.85 -1.58 7.52
C ALA A 235 22.93 -2.19 6.63
N ALA A 236 23.81 -1.33 6.11
CA ALA A 236 24.96 -1.78 5.30
C ALA A 236 26.14 -2.26 6.14
N LYS A 244 23.97 5.57 8.29
CA LYS A 244 22.72 5.64 9.06
C LYS A 244 21.65 4.63 8.57
N ASP A 245 21.11 3.87 9.52
CA ASP A 245 20.06 2.90 9.24
C ASP A 245 18.82 3.56 8.66
N VAL A 246 18.11 2.81 7.83
CA VAL A 246 16.82 3.20 7.27
C VAL A 246 15.80 2.12 7.60
N PHE A 247 14.52 2.47 7.49
CA PHE A 247 13.41 1.57 7.77
C PHE A 247 12.40 1.59 6.66
N HIS A 248 12.03 0.42 6.16
CA HIS A 248 11.01 0.29 5.14
C HIS A 248 10.59 -1.16 5.07
N PRO A 249 9.42 -1.45 4.54
CA PRO A 249 8.98 -2.84 4.47
C PRO A 249 9.71 -3.56 3.34
N VAL A 250 9.64 -4.89 3.41
CA VAL A 250 10.23 -5.72 2.38
C VAL A 250 9.44 -5.58 1.08
N PHE A 251 8.12 -5.48 1.18
CA PHE A 251 7.25 -5.27 0.03
C PHE A 251 6.72 -3.85 0.06
N ASP A 252 6.37 -3.36 -1.12
CA ASP A 252 5.61 -2.13 -1.29
C ASP A 252 4.72 -2.36 -2.50
N VAL A 253 4.06 -1.30 -2.98
CA VAL A 253 3.24 -1.38 -4.18
C VAL A 253 3.66 -0.30 -5.16
N ASP A 254 3.42 -0.56 -6.44
CA ASP A 254 3.60 0.46 -7.47
C ASP A 254 2.33 1.32 -7.50
N GLN A 255 2.23 2.18 -8.50
CA GLN A 255 1.10 3.10 -8.57
C GLN A 255 -0.23 2.38 -8.75
N GLN A 256 -0.23 1.18 -9.30
CA GLN A 256 -1.48 0.46 -9.57
C GLN A 256 -1.80 -0.56 -8.48
N GLY A 257 -1.10 -0.53 -7.35
CA GLY A 257 -1.36 -1.48 -6.28
C GLY A 257 -0.66 -2.81 -6.43
N ARG A 258 0.17 -2.99 -7.44
CA ARG A 258 0.85 -4.26 -7.65
C ARG A 258 2.13 -4.31 -6.83
N PRO A 259 2.49 -5.50 -6.35
CA PRO A 259 3.64 -5.63 -5.43
C PRO A 259 4.98 -5.29 -6.08
N VAL A 260 5.82 -4.58 -5.33
CA VAL A 260 7.23 -4.38 -5.64
C VAL A 260 8.01 -4.80 -4.40
N MET A 261 9.33 -4.95 -4.56
CA MET A 261 10.14 -5.47 -3.46
C MET A 261 11.39 -4.62 -3.24
N ARG A 262 11.81 -4.60 -1.98
CA ARG A 262 13.00 -3.90 -1.54
CA ARG A 262 13.01 -3.90 -1.54
C ARG A 262 13.70 -4.83 -0.54
N TYR A 263 14.31 -5.88 -1.06
CA TYR A 263 14.77 -6.99 -0.23
C TYR A 263 16.21 -7.36 -0.56
N ILE A 264 16.99 -7.58 0.49
CA ILE A 264 18.26 -8.31 0.37
C ILE A 264 18.53 -8.94 1.73
N ASP A 265 18.96 -10.21 1.71
CA ASP A 265 19.07 -10.95 2.95
C ASP A 265 20.22 -10.46 3.83
N GLN A 266 21.25 -9.84 3.24
CA GLN A 266 22.40 -9.43 4.05
C GLN A 266 22.11 -8.16 4.85
N PHE A 267 21.31 -7.25 4.31
CA PHE A 267 21.16 -5.95 4.93
C PHE A 267 19.87 -5.82 5.73
N VAL A 268 18.86 -6.66 5.46
CA VAL A 268 17.68 -6.64 6.31
C VAL A 268 18.06 -7.17 7.69
N GLN A 269 17.58 -6.47 8.74
CA GLN A 269 17.95 -6.76 10.12
C GLN A 269 16.69 -7.07 10.93
N PRO A 270 16.16 -8.29 10.85
CA PRO A 270 15.00 -8.65 11.67
C PRO A 270 15.24 -8.35 13.15
N LYS A 271 14.24 -7.74 13.80
CA LYS A 271 14.41 -7.26 15.17
C LYS A 271 14.13 -8.34 16.21
N ASP A 272 13.48 -9.44 15.82
CA ASP A 272 13.10 -10.45 16.79
C ASP A 272 12.86 -11.77 16.06
N PHE A 273 12.41 -12.75 16.84
CA PHE A 273 12.19 -14.09 16.35
C PHE A 273 11.08 -14.10 15.30
N GLU A 274 10.06 -13.27 15.50
CA GLU A 274 8.95 -13.26 14.55
C GLU A 274 9.41 -12.79 13.18
N GLU A 275 10.08 -11.64 13.12
CA GLU A 275 10.59 -11.14 11.84
C GLU A 275 11.61 -12.09 11.24
N GLY A 276 12.48 -12.66 12.09
CA GLY A 276 13.57 -13.47 11.58
C GLY A 276 13.07 -14.74 10.91
N VAL A 277 12.19 -15.49 11.59
CA VAL A 277 11.74 -16.75 11.01
C VAL A 277 11.00 -16.50 9.71
N TRP A 278 10.18 -15.44 9.65
CA TRP A 278 9.46 -15.13 8.41
C TRP A 278 10.41 -14.77 7.29
N LEU A 279 11.45 -13.98 7.58
CA LEU A 279 12.42 -13.63 6.54
C LEU A 279 13.16 -14.87 6.02
N SER A 280 13.44 -15.84 6.89
CA SER A 280 14.16 -17.01 6.42
C SER A 280 13.27 -17.88 5.51
N GLU A 281 11.98 -17.93 5.79
CA GLU A 281 11.08 -18.62 4.88
C GLU A 281 10.92 -17.86 3.58
N LEU A 282 10.83 -16.52 3.65
CA LEU A 282 10.82 -15.71 2.44
C LEU A 282 12.06 -16.02 1.59
N SER A 283 13.23 -16.05 2.22
CA SER A 283 14.46 -16.35 1.50
C SER A 283 14.37 -17.68 0.75
N ASP A 284 13.99 -18.74 1.48
CA ASP A 284 13.79 -20.03 0.84
CA ASP A 284 13.78 -20.04 0.85
C ASP A 284 12.79 -19.94 -0.31
N ALA A 285 11.66 -19.27 -0.08
CA ALA A 285 10.60 -19.19 -1.10
C ALA A 285 11.09 -18.45 -2.34
N ILE A 286 12.01 -17.50 -2.20
CA ILE A 286 12.56 -16.82 -3.37
C ILE A 286 13.60 -17.71 -4.05
N GLU A 287 14.53 -18.25 -3.27
CA GLU A 287 15.67 -18.96 -3.84
C GLU A 287 15.26 -20.24 -4.56
N THR A 288 14.16 -20.87 -4.14
CA THR A 288 13.69 -22.10 -4.78
C THR A 288 12.62 -21.85 -5.83
N SER A 289 12.33 -20.59 -6.17
CA SER A 289 11.23 -20.32 -7.09
C SER A 289 11.51 -20.91 -8.46
N LYS A 290 10.50 -21.57 -9.04
CA LYS A 290 10.66 -22.08 -10.39
C LYS A 290 10.60 -20.99 -11.45
N GLY A 291 10.38 -19.72 -11.07
CA GLY A 291 10.31 -18.64 -12.02
C GLY A 291 11.62 -17.95 -12.33
N ILE A 292 12.71 -18.36 -11.67
CA ILE A 292 14.01 -17.71 -11.87
C ILE A 292 14.53 -17.94 -13.28
N LEU A 293 15.06 -16.89 -13.89
CA LEU A 293 15.72 -16.99 -15.19
C LEU A 293 17.23 -17.11 -15.00
N SER A 294 17.87 -17.89 -15.87
CA SER A 294 19.32 -18.08 -15.84
C SER A 294 19.87 -17.53 -17.15
N VAL A 295 20.56 -16.40 -17.08
CA VAL A 295 20.85 -15.63 -18.28
C VAL A 295 22.36 -15.48 -18.48
N PRO A 296 22.94 -16.08 -19.53
CA PRO A 296 24.33 -15.78 -19.89
C PRO A 296 24.47 -14.32 -20.26
N VAL A 297 25.54 -13.70 -19.79
CA VAL A 297 25.85 -12.34 -20.21
C VAL A 297 27.24 -12.29 -20.84
N PRO A 298 27.33 -12.46 -22.16
CA PRO A 298 28.64 -12.45 -22.82
C PRO A 298 29.31 -11.09 -22.73
N VAL A 299 30.64 -11.10 -22.94
CA VAL A 299 31.46 -9.89 -22.88
C VAL A 299 30.91 -8.83 -23.83
N GLY A 300 30.69 -7.63 -23.30
CA GLY A 300 30.11 -6.56 -24.07
C GLY A 300 28.59 -6.46 -24.00
N LYS A 301 27.93 -7.39 -23.32
CA LYS A 301 26.50 -7.28 -23.09
C LYS A 301 26.25 -6.73 -21.69
N PHE A 302 25.11 -6.04 -21.53
CA PHE A 302 24.73 -5.66 -20.18
C PHE A 302 23.23 -5.80 -19.96
N LEU A 303 22.90 -6.23 -18.74
CA LEU A 303 21.54 -6.23 -18.28
C LEU A 303 21.18 -4.85 -17.77
N LEU A 304 19.96 -4.41 -18.07
CA LEU A 304 19.39 -3.15 -17.61
C LEU A 304 17.97 -3.47 -17.16
N ILE A 305 17.73 -3.45 -15.84
CA ILE A 305 16.50 -3.99 -15.29
C ILE A 305 15.84 -2.99 -14.35
N ASN A 306 14.52 -3.07 -14.27
CA ASN A 306 13.72 -2.31 -13.32
C ASN A 306 13.85 -2.98 -11.95
N ASN A 307 14.58 -2.31 -11.05
CA ASN A 307 14.94 -2.82 -9.74
C ASN A 307 13.74 -2.99 -8.80
N LEU A 308 12.55 -2.54 -9.19
CA LEU A 308 11.42 -2.62 -8.27
C LEU A 308 10.68 -3.94 -8.36
N PHE A 309 10.53 -4.51 -9.56
CA PHE A 309 9.82 -5.77 -9.71
C PHE A 309 10.67 -6.86 -10.36
N TRP A 310 11.96 -6.62 -10.56
CA TRP A 310 12.92 -7.67 -10.83
C TRP A 310 13.89 -7.74 -9.65
N LEU A 311 14.14 -8.96 -9.17
CA LEU A 311 15.28 -9.26 -8.33
C LEU A 311 16.38 -9.86 -9.19
N HIS A 312 17.64 -9.71 -8.76
CA HIS A 312 18.75 -10.29 -9.51
C HIS A 312 19.77 -10.90 -8.56
N GLY A 313 20.52 -11.83 -9.10
CA GLY A 313 21.61 -12.47 -8.40
C GLY A 313 22.53 -13.16 -9.40
N ARG A 314 23.35 -14.06 -8.89
CA ARG A 314 24.36 -14.67 -9.73
C ARG A 314 24.51 -16.13 -9.38
N ASP A 315 24.61 -16.96 -10.39
CA ASP A 315 24.70 -18.40 -10.23
C ASP A 315 26.09 -18.80 -9.75
N ARG A 316 26.18 -20.02 -9.21
CA ARG A 316 27.47 -20.60 -8.87
C ARG A 316 28.30 -20.75 -10.13
N PHE A 317 29.63 -20.74 -9.97
CA PHE A 317 30.51 -20.98 -11.09
C PHE A 317 31.70 -21.83 -10.64
N THR A 318 32.37 -22.42 -11.62
CA THR A 318 33.45 -23.36 -11.34
C THR A 318 34.72 -22.61 -10.95
N PRO A 319 35.30 -22.90 -9.79
CA PRO A 319 36.62 -22.34 -9.49
C PRO A 319 37.66 -22.93 -10.45
N HIS A 320 38.43 -22.06 -11.07
CA HIS A 320 39.42 -22.45 -12.04
C HIS A 320 40.61 -21.56 -11.79
N PRO A 321 41.82 -22.11 -11.79
CA PRO A 321 43.00 -21.29 -11.47
C PRO A 321 43.18 -20.11 -12.39
N ASP A 322 42.84 -20.24 -13.67
CA ASP A 322 43.01 -19.16 -14.63
C ASP A 322 41.72 -18.41 -14.89
N LEU A 323 40.81 -18.43 -13.92
CA LEU A 323 39.54 -17.74 -14.06
C LEU A 323 39.72 -16.24 -13.99
N ARG A 324 39.12 -15.52 -14.93
CA ARG A 324 39.04 -14.06 -14.85
C ARG A 324 37.67 -13.62 -15.33
N ARG A 325 36.97 -12.87 -14.49
CA ARG A 325 35.70 -12.26 -14.83
C ARG A 325 35.70 -10.82 -14.37
N GLU A 326 35.42 -9.89 -15.29
CA GLU A 326 35.34 -8.49 -14.97
C GLU A 326 33.93 -7.98 -15.23
N LEU A 327 33.41 -7.21 -14.29
CA LEU A 327 32.05 -6.69 -14.35
C LEU A 327 32.08 -5.17 -14.16
N MET A 328 31.03 -4.52 -14.65
CA MET A 328 30.84 -3.09 -14.43
C MET A 328 29.38 -2.90 -14.03
N ARG A 329 29.16 -2.15 -12.96
CA ARG A 329 27.80 -1.90 -12.50
C ARG A 329 27.52 -0.40 -12.48
N GLN A 330 26.24 -0.08 -12.73
CA GLN A 330 25.66 1.23 -12.45
C GLN A 330 24.28 1.00 -11.87
N ARG A 331 23.88 1.92 -10.98
CA ARG A 331 22.54 1.94 -10.38
C ARG A 331 22.06 3.38 -10.37
N GLY A 332 20.79 3.59 -10.61
CA GLY A 332 20.30 4.94 -10.52
C GLY A 332 18.80 5.01 -10.46
N TYR A 333 18.28 6.22 -10.66
CA TYR A 333 16.86 6.50 -10.63
C TYR A 333 16.39 6.89 -12.02
N PHE A 334 15.12 6.62 -12.32
CA PHE A 334 14.52 7.07 -13.56
C PHE A 334 14.28 8.58 -13.54
N ALA A 335 14.46 9.24 -14.69
CA ALA A 335 14.07 10.62 -14.85
C ALA A 335 13.82 10.86 -16.33
N TYR A 336 12.63 11.36 -16.66
CA TYR A 336 12.17 11.43 -18.03
C TYR A 336 10.97 12.38 -18.11
N ALA A 337 10.70 12.85 -19.31
CA ALA A 337 9.59 13.75 -19.55
C ALA A 337 8.30 12.95 -19.71
N SER A 338 7.20 13.53 -19.22
CA SER A 338 5.88 13.00 -19.49
C SER A 338 4.87 14.10 -19.28
N ASN A 339 3.72 13.94 -19.94
CA ASN A 339 2.60 14.83 -19.75
C ASN A 339 1.96 14.51 -18.41
N HIS A 340 2.05 15.44 -17.47
CA HIS A 340 1.49 15.26 -16.13
C HIS A 340 1.34 16.63 -15.48
N TYR A 341 0.69 16.65 -14.32
CA TYR A 341 0.26 17.91 -13.73
C TYR A 341 1.36 18.58 -12.91
N GLN A 342 1.31 19.90 -12.90
CA GLN A 342 2.14 20.75 -12.07
C GLN A 342 1.28 21.89 -11.60
N THR A 343 1.84 22.75 -10.75
CA THR A 343 1.16 23.94 -10.28
C THR A 343 2.02 25.16 -10.61
N HIS A 344 1.37 26.33 -10.53
CA HIS A 344 2.01 27.64 -10.68
C HIS A 344 2.66 27.80 -12.05
N GLN A 345 3.45 28.85 -12.22
CA GLN A 345 3.98 29.17 -13.55
C GLN A 345 5.49 29.39 -13.50
N TYR B 38 -25.26 -17.44 23.14
CA TYR B 38 -24.27 -16.88 24.07
C TYR B 38 -24.85 -16.61 25.46
N SER B 39 -23.98 -16.21 26.39
CA SER B 39 -24.41 -15.95 27.76
C SER B 39 -24.81 -14.48 27.86
N GLY B 40 -26.12 -14.22 27.97
CA GLY B 40 -26.60 -12.88 28.17
C GLY B 40 -27.08 -12.17 26.91
N PHE B 41 -26.87 -12.73 25.74
CA PHE B 41 -27.31 -12.09 24.51
C PHE B 41 -27.48 -13.15 23.44
N THR B 42 -28.14 -12.75 22.37
CA THR B 42 -28.30 -13.57 21.19
C THR B 42 -27.69 -12.84 20.00
N LEU B 43 -27.35 -13.59 18.96
CA LEU B 43 -26.68 -13.03 17.79
C LEU B 43 -27.30 -13.67 16.57
N THR B 44 -27.69 -12.86 15.58
CA THR B 44 -28.34 -13.39 14.40
C THR B 44 -28.05 -12.49 13.20
N PRO B 45 -27.92 -13.04 12.00
CA PRO B 45 -27.66 -12.20 10.83
C PRO B 45 -28.86 -11.32 10.51
N SER B 46 -28.55 -10.15 9.96
CA SER B 46 -29.55 -9.17 9.60
C SER B 46 -30.25 -9.57 8.29
N ALA B 47 -31.40 -8.95 8.07
CA ALA B 47 -32.11 -9.12 6.81
C ALA B 47 -31.43 -8.42 5.65
N GLN B 48 -30.50 -7.50 5.91
CA GLN B 48 -29.85 -6.79 4.81
C GLN B 48 -28.59 -7.48 4.29
N SER B 49 -27.87 -8.18 5.16
CA SER B 49 -26.58 -8.74 4.80
C SER B 49 -26.08 -9.71 5.86
N PRO B 50 -25.49 -10.83 5.46
CA PRO B 50 -24.82 -11.70 6.45
C PRO B 50 -23.61 -11.05 7.09
N ARG B 51 -23.07 -9.98 6.50
CA ARG B 51 -21.94 -9.26 7.09
C ARG B 51 -22.35 -8.45 8.30
N LEU B 52 -23.64 -8.11 8.41
CA LEU B 52 -24.17 -7.29 9.50
C LEU B 52 -24.91 -8.20 10.47
N LEU B 53 -24.41 -8.30 11.69
CA LEU B 53 -25.02 -9.17 12.68
C LEU B 53 -25.77 -8.35 13.72
N GLU B 54 -26.90 -8.90 14.17
CA GLU B 54 -27.72 -8.26 15.19
C GLU B 54 -27.49 -8.91 16.54
N LEU B 55 -27.08 -8.10 17.50
CA LEU B 55 -26.79 -8.54 18.85
C LEU B 55 -27.84 -7.95 19.79
N THR B 56 -28.53 -8.82 20.52
CA THR B 56 -29.59 -8.41 21.43
C THR B 56 -29.28 -8.93 22.82
N PHE B 57 -29.15 -8.04 23.78
CA PHE B 57 -29.06 -8.44 25.17
C PHE B 57 -30.44 -8.83 25.70
N THR B 58 -30.49 -9.96 26.41
CA THR B 58 -31.72 -10.42 27.00
C THR B 58 -32.20 -9.41 28.05
N GLU B 59 -33.49 -9.52 28.38
CA GLU B 59 -34.06 -8.63 29.37
C GLU B 59 -33.38 -8.78 30.73
N GLN B 60 -33.12 -10.02 31.16
CA GLN B 60 -32.44 -10.22 32.43
C GLN B 60 -31.10 -9.50 32.44
N THR B 61 -30.30 -9.71 31.38
CA THR B 61 -29.03 -9.01 31.28
C THR B 61 -29.22 -7.51 31.29
N THR B 62 -30.20 -7.03 30.54
CA THR B 62 -30.42 -5.59 30.47
C THR B 62 -30.74 -5.03 31.85
N LYS B 63 -31.65 -5.69 32.57
CA LYS B 63 -32.10 -5.12 33.84
C LYS B 63 -30.97 -5.14 34.87
N GLN B 64 -30.17 -6.20 34.88
CA GLN B 64 -29.04 -6.26 35.81
C GLN B 64 -28.01 -5.17 35.53
N PHE B 65 -27.67 -4.97 34.25
CA PHE B 65 -26.72 -3.92 33.88
C PHE B 65 -27.20 -2.55 34.35
N LEU B 66 -28.46 -2.22 34.05
CA LEU B 66 -29.00 -0.92 34.45
C LEU B 66 -29.03 -0.76 35.96
N GLU B 67 -29.32 -1.84 36.70
CA GLU B 67 -29.28 -1.75 38.16
C GLU B 67 -27.87 -1.50 38.64
N GLN B 68 -26.91 -2.22 38.07
CA GLN B 68 -25.54 -2.14 38.53
C GLN B 68 -24.83 -0.89 38.08
N VAL B 69 -25.38 -0.13 37.14
CA VAL B 69 -24.71 1.10 36.74
C VAL B 69 -25.49 2.34 37.13
N ALA B 70 -26.58 2.16 37.90
CA ALA B 70 -27.43 3.28 38.26
C ALA B 70 -26.71 4.32 39.12
N GLU B 71 -25.71 3.91 39.90
CA GLU B 71 -25.06 4.89 40.76
C GLU B 71 -24.26 5.93 39.98
N TRP B 72 -23.95 5.67 38.71
CA TRP B 72 -23.20 6.64 37.92
C TRP B 72 -24.09 7.21 36.82
N PRO B 73 -24.53 8.46 36.94
CA PRO B 73 -25.30 9.08 35.86
C PRO B 73 -24.41 9.39 34.67
N VAL B 74 -25.06 9.70 33.54
CA VAL B 74 -24.33 9.98 32.31
C VAL B 74 -23.31 11.09 32.53
N GLN B 75 -23.68 12.11 33.34
CA GLN B 75 -22.75 13.20 33.57
C GLN B 75 -21.50 12.73 34.29
N ALA B 76 -21.61 11.68 35.12
CA ALA B 76 -20.42 11.09 35.72
C ALA B 76 -19.52 10.44 34.66
N LEU B 77 -20.11 9.73 33.67
CA LEU B 77 -19.30 9.19 32.59
C LEU B 77 -18.66 10.30 31.76
N GLU B 78 -19.33 11.46 31.66
CA GLU B 78 -18.77 12.57 30.90
C GLU B 78 -17.53 13.13 31.57
N TYR B 79 -17.52 13.18 32.90
CA TYR B 79 -16.46 13.84 33.62
C TYR B 79 -15.31 12.92 33.97
N LYS B 80 -15.56 11.62 34.14
CA LYS B 80 -14.54 10.68 34.61
C LYS B 80 -14.44 9.55 33.60
N SER B 81 -13.50 9.65 32.67
CA SER B 81 -13.52 8.71 31.57
C SER B 81 -13.29 7.28 32.04
N PHE B 82 -12.63 7.05 33.18
CA PHE B 82 -12.42 5.65 33.55
C PHE B 82 -13.73 4.94 33.86
N LEU B 83 -14.79 5.69 34.21
CA LEU B 83 -16.09 5.10 34.45
C LEU B 83 -16.69 4.49 33.17
N ARG B 84 -16.31 5.03 32.01
CA ARG B 84 -16.73 4.39 30.76
C ARG B 84 -16.21 2.95 30.71
N PHE B 85 -14.99 2.72 31.21
CA PHE B 85 -14.45 1.37 31.24
C PHE B 85 -15.02 0.54 32.39
N ARG B 86 -15.40 1.18 33.52
CA ARG B 86 -16.07 0.44 34.58
C ARG B 86 -17.42 -0.13 34.11
N VAL B 87 -18.23 0.69 33.44
CA VAL B 87 -19.53 0.15 33.03
C VAL B 87 -19.36 -0.87 31.92
N ALA B 88 -18.28 -0.77 31.14
CA ALA B 88 -17.97 -1.80 30.15
C ALA B 88 -17.69 -3.14 30.82
N LYS B 89 -16.87 -3.12 31.87
CA LYS B 89 -16.58 -4.35 32.59
C LYS B 89 -17.85 -4.94 33.20
N ILE B 90 -18.69 -4.09 33.79
CA ILE B 90 -19.93 -4.57 34.40
C ILE B 90 -20.76 -5.32 33.37
N LEU B 91 -20.93 -4.71 32.20
CA LEU B 91 -21.71 -5.36 31.14
C LEU B 91 -21.08 -6.69 30.71
N ASP B 92 -19.78 -6.69 30.39
CA ASP B 92 -19.13 -7.92 29.94
C ASP B 92 -19.09 -8.99 31.04
N ASP B 93 -18.92 -8.58 32.31
CA ASP B 93 -19.00 -9.53 33.42
C ASP B 93 -20.35 -10.22 33.48
N LEU B 94 -21.45 -9.49 33.24
CA LEU B 94 -22.78 -10.09 33.23
C LEU B 94 -22.99 -11.04 32.06
N CYS B 95 -22.12 -11.01 31.05
CA CYS B 95 -22.22 -11.93 29.92
C CYS B 95 -21.21 -13.05 30.00
N ALA B 96 -20.79 -13.41 31.21
CA ALA B 96 -19.82 -14.48 31.42
C ALA B 96 -18.57 -14.22 30.60
N ASN B 97 -18.25 -12.93 30.43
CA ASN B 97 -17.05 -12.50 29.72
C ASN B 97 -17.01 -12.99 28.27
N GLN B 98 -18.18 -13.30 27.71
CA GLN B 98 -18.27 -13.68 26.31
C GLN B 98 -18.48 -12.49 25.38
N LEU B 99 -18.83 -11.32 25.92
CA LEU B 99 -19.20 -10.19 25.08
C LEU B 99 -17.99 -9.57 24.41
N GLN B 100 -16.98 -9.19 25.20
CA GLN B 100 -15.79 -8.55 24.61
C GLN B 100 -15.16 -9.38 23.48
N PRO B 101 -14.87 -10.67 23.66
CA PRO B 101 -14.23 -11.40 22.53
C PRO B 101 -15.12 -11.52 21.32
N LEU B 102 -16.45 -11.62 21.51
CA LEU B 102 -17.34 -11.68 20.37
C LEU B 102 -17.34 -10.34 19.62
N LEU B 103 -17.37 -9.23 20.36
CA LEU B 103 -17.37 -7.91 19.72
C LEU B 103 -16.08 -7.73 18.93
N LEU B 104 -14.94 -8.06 19.55
CA LEU B 104 -13.66 -7.89 18.87
C LEU B 104 -13.56 -8.80 17.65
N LYS B 105 -13.90 -10.09 17.79
CA LYS B 105 -13.87 -11.00 16.64
C LYS B 105 -14.74 -10.50 15.49
N THR B 106 -15.94 -9.97 15.80
CA THR B 106 -16.87 -9.54 14.77
C THR B 106 -16.37 -8.28 14.05
N LEU B 107 -15.98 -7.27 14.82
CA LEU B 107 -15.56 -6.00 14.24
C LEU B 107 -14.23 -6.12 13.49
N LEU B 108 -13.35 -7.02 13.92
CA LEU B 108 -12.07 -7.21 13.26
C LEU B 108 -12.15 -8.17 12.09
N ASN B 109 -13.21 -8.95 11.98
CA ASN B 109 -13.35 -9.91 10.90
C ASN B 109 -13.72 -9.18 9.60
N ARG B 110 -12.83 -9.27 8.60
CA ARG B 110 -13.06 -8.58 7.33
C ARG B 110 -14.38 -9.00 6.68
N ALA B 111 -14.81 -10.25 6.85
CA ALA B 111 -16.04 -10.70 6.23
C ALA B 111 -17.28 -10.09 6.87
N GLU B 112 -17.16 -9.51 8.07
CA GLU B 112 -18.30 -8.96 8.81
C GLU B 112 -18.01 -7.49 9.11
N GLY B 113 -17.59 -7.16 10.33
CA GLY B 113 -17.19 -5.82 10.68
C GLY B 113 -18.30 -4.86 11.04
N ALA B 114 -19.53 -5.36 11.27
CA ALA B 114 -20.66 -4.49 11.55
C ALA B 114 -21.65 -5.16 12.48
N LEU B 115 -22.10 -4.41 13.50
CA LEU B 115 -23.14 -4.91 14.41
C LEU B 115 -24.27 -3.90 14.55
N LEU B 116 -25.49 -4.42 14.70
CA LEU B 116 -26.65 -3.65 15.12
C LEU B 116 -27.07 -4.18 16.50
N ILE B 117 -27.01 -3.32 17.51
CA ILE B 117 -27.05 -3.77 18.90
C ILE B 117 -28.25 -3.15 19.62
N ASN B 118 -28.90 -3.94 20.47
CA ASN B 118 -29.98 -3.43 21.30
C ASN B 118 -30.08 -4.26 22.56
N ALA B 119 -30.86 -3.75 23.51
CA ALA B 119 -31.12 -4.44 24.76
C ALA B 119 -32.62 -4.49 24.96
N VAL B 120 -33.15 -5.69 25.21
CA VAL B 120 -34.59 -5.86 25.37
C VAL B 120 -35.09 -4.97 26.50
N GLY B 121 -36.12 -4.19 26.22
CA GLY B 121 -36.73 -3.32 27.20
C GLY B 121 -36.22 -1.90 27.20
N VAL B 122 -35.18 -1.61 26.41
CA VAL B 122 -34.66 -0.26 26.26
C VAL B 122 -34.97 0.16 24.83
N ASP B 123 -36.06 0.92 24.67
CA ASP B 123 -36.54 1.25 23.33
C ASP B 123 -37.38 2.52 23.31
N ASP B 124 -37.22 3.43 24.27
CA ASP B 124 -38.04 4.63 24.31
C ASP B 124 -37.18 5.82 24.67
N VAL B 125 -37.54 6.98 24.12
CA VAL B 125 -36.73 8.19 24.31
C VAL B 125 -36.61 8.55 25.79
N LYS B 126 -37.60 8.19 26.61
CA LYS B 126 -37.48 8.46 28.04
C LYS B 126 -36.29 7.75 28.67
N GLN B 127 -35.77 6.71 28.00
CA GLN B 127 -34.61 5.96 28.46
C GLN B 127 -33.30 6.39 27.77
N ALA B 128 -33.20 7.66 27.36
CA ALA B 128 -32.03 8.10 26.61
C ALA B 128 -30.75 7.86 27.40
N ASP B 129 -30.76 8.21 28.69
CA ASP B 129 -29.56 8.05 29.51
C ASP B 129 -29.14 6.58 29.59
N GLU B 130 -30.11 5.69 29.74
CA GLU B 130 -29.81 4.26 29.71
C GLU B 130 -29.19 3.88 28.38
N MET B 131 -29.74 4.43 27.28
CA MET B 131 -29.19 4.14 25.96
C MET B 131 -27.73 4.55 25.89
N VAL B 132 -27.43 5.75 26.37
CA VAL B 132 -26.05 6.23 26.36
C VAL B 132 -25.16 5.33 27.20
N LYS B 133 -25.65 4.91 28.38
CA LYS B 133 -24.83 4.05 29.23
C LYS B 133 -24.50 2.75 28.52
N LEU B 134 -25.47 2.18 27.82
CA LEU B 134 -25.29 0.90 27.15
C LEU B 134 -24.32 0.99 25.97
N ALA B 135 -24.48 2.01 25.14
CA ALA B 135 -23.57 2.16 24.02
C ALA B 135 -22.14 2.40 24.50
N THR B 136 -21.99 3.19 25.60
CA THR B 136 -20.69 3.46 26.20
C THR B 136 -20.01 2.18 26.68
N ALA B 137 -20.76 1.34 27.40
CA ALA B 137 -20.24 0.08 27.89
C ALA B 137 -19.78 -0.82 26.72
N VAL B 138 -20.57 -0.91 25.66
CA VAL B 138 -20.17 -1.74 24.52
C VAL B 138 -18.93 -1.16 23.85
N ALA B 139 -18.90 0.15 23.62
CA ALA B 139 -17.77 0.75 22.90
C ALA B 139 -16.48 0.57 23.66
N HIS B 140 -16.52 0.72 24.98
CA HIS B 140 -15.27 0.75 25.71
C HIS B 140 -14.78 -0.63 26.11
N LEU B 141 -15.53 -1.68 25.72
CA LEU B 141 -15.00 -3.04 25.70
C LEU B 141 -14.07 -3.27 24.52
N ILE B 142 -14.22 -2.51 23.44
CA ILE B 142 -13.41 -2.72 22.24
C ILE B 142 -12.47 -1.58 21.94
N GLY B 143 -12.56 -0.46 22.67
CA GLY B 143 -11.65 0.65 22.46
C GLY B 143 -11.96 1.84 23.33
N ARG B 144 -11.75 3.05 22.80
CA ARG B 144 -12.09 4.29 23.49
C ARG B 144 -12.71 5.28 22.50
N SER B 145 -13.77 5.95 22.93
CA SER B 145 -14.43 6.96 22.09
C SER B 145 -13.72 8.31 22.22
N ASN B 146 -13.56 9.00 21.09
CA ASN B 146 -12.83 10.27 21.08
C ASN B 146 -13.70 11.47 21.41
N PHE B 147 -13.03 12.54 21.80
CA PHE B 147 -13.68 13.83 22.00
C PHE B 147 -14.44 14.23 20.75
N ASP B 148 -15.65 14.73 20.94
CA ASP B 148 -16.53 15.17 19.87
C ASP B 148 -16.57 16.68 19.91
N ALA B 149 -16.03 17.33 18.87
CA ALA B 149 -15.98 18.79 18.83
C ALA B 149 -17.37 19.40 18.84
N MET B 150 -18.40 18.65 18.45
CA MET B 150 -19.73 19.22 18.34
C MET B 150 -20.42 19.32 19.69
N SER B 151 -20.11 18.42 20.62
CA SER B 151 -20.73 18.45 21.93
C SER B 151 -19.76 18.79 23.04
N GLY B 152 -18.45 18.64 22.80
CA GLY B 152 -17.50 18.76 23.88
C GLY B 152 -17.52 17.61 24.85
N GLN B 153 -18.08 16.48 24.45
CA GLN B 153 -18.07 15.27 25.27
C GLN B 153 -17.61 14.11 24.41
N TYR B 154 -17.50 12.94 25.03
CA TYR B 154 -17.07 11.74 24.30
C TYR B 154 -18.18 11.15 23.44
N TYR B 155 -19.37 11.75 23.46
CA TYR B 155 -20.45 11.40 22.55
C TYR B 155 -21.17 12.69 22.22
N ALA B 156 -22.05 12.62 21.22
CA ALA B 156 -22.87 13.77 20.86
C ALA B 156 -24.30 13.33 20.57
N ARG B 157 -25.27 14.09 21.07
CA ARG B 157 -26.69 13.90 20.77
C ARG B 157 -27.18 15.05 19.89
N PHE B 158 -27.87 14.69 18.81
CA PHE B 158 -28.47 15.62 17.87
C PHE B 158 -29.96 15.36 17.75
N VAL B 159 -30.74 16.43 17.69
CA VAL B 159 -32.19 16.37 17.42
C VAL B 159 -32.42 16.95 16.03
N VAL B 160 -33.18 16.24 15.21
CA VAL B 160 -33.59 16.72 13.90
C VAL B 160 -35.06 17.07 13.95
N LYS B 161 -35.40 18.27 13.46
CA LYS B 161 -36.79 18.70 13.32
C LYS B 161 -36.94 19.47 12.01
N ASN B 162 -38.19 19.68 11.59
CA ASN B 162 -38.52 20.46 10.39
C ASN B 162 -37.74 20.09 9.12
N HIS B 174 -33.88 15.24 3.96
CA HIS B 174 -34.70 15.15 2.74
C HIS B 174 -33.85 14.96 1.51
N ARG B 175 -32.54 15.11 1.67
CA ARG B 175 -31.55 14.65 0.72
C ARG B 175 -30.65 13.60 1.39
N VAL B 176 -30.03 12.78 0.56
CA VAL B 176 -29.16 11.73 1.06
C VAL B 176 -27.91 12.35 1.69
N MET B 177 -27.46 11.77 2.81
CA MET B 177 -26.09 11.97 3.27
C MET B 177 -25.24 10.87 2.63
N GLU B 178 -24.28 11.29 1.80
CA GLU B 178 -23.52 10.35 0.98
C GLU B 178 -22.62 9.46 1.83
N LEU B 179 -22.34 8.26 1.29
CA LEU B 179 -21.51 7.31 2.00
C LEU B 179 -20.10 7.87 2.19
N HIS B 180 -19.52 7.59 3.35
CA HIS B 180 -18.23 8.17 3.71
C HIS B 180 -17.65 7.41 4.91
N ASN B 181 -16.37 7.69 5.19
CA ASN B 181 -15.72 7.30 6.44
C ASN B 181 -15.64 8.52 7.37
N ASP B 182 -15.65 8.26 8.68
CA ASP B 182 -15.41 9.35 9.62
C ASP B 182 -13.93 9.52 9.92
N GLY B 183 -13.60 10.69 10.46
CA GLY B 183 -12.26 10.97 10.91
C GLY B 183 -11.25 11.22 9.82
N THR B 184 -11.68 11.59 8.61
CA THR B 184 -10.72 11.73 7.53
C THR B 184 -9.88 13.00 7.63
N TYR B 185 -10.24 13.95 8.49
CA TYR B 185 -9.57 15.23 8.56
C TYR B 185 -8.59 15.32 9.72
N VAL B 186 -8.25 14.21 10.36
CA VAL B 186 -7.18 14.18 11.36
C VAL B 186 -6.20 13.06 11.02
N GLU B 187 -5.04 13.11 11.67
CA GLU B 187 -3.98 12.13 11.41
C GLU B 187 -4.32 10.77 12.00
N GLU B 188 -4.88 10.75 13.22
CA GLU B 188 -5.22 9.50 13.87
C GLU B 188 -6.37 8.79 13.14
N ILE B 189 -6.29 7.47 13.10
CA ILE B 189 -7.31 6.65 12.46
C ILE B 189 -8.44 6.46 13.44
N THR B 190 -9.66 6.68 12.94
CA THR B 190 -10.90 6.29 13.59
C THR B 190 -11.26 4.88 13.12
N ASP B 191 -11.27 3.91 14.03
CA ASP B 191 -11.57 2.52 13.67
C ASP B 191 -13.05 2.17 13.69
N TYR B 192 -13.83 2.87 14.51
CA TYR B 192 -15.22 2.47 14.66
C TYR B 192 -16.11 3.70 14.71
N VAL B 193 -17.31 3.53 14.17
CA VAL B 193 -18.37 4.51 14.22
C VAL B 193 -19.55 3.86 14.92
N LEU B 194 -20.12 4.57 15.90
CA LEU B 194 -21.28 4.10 16.66
C LEU B 194 -22.38 5.12 16.46
N MET B 195 -23.55 4.67 15.98
CA MET B 195 -24.67 5.56 15.68
C MET B 195 -25.94 4.96 16.25
N MET B 196 -26.56 5.67 17.20
CA MET B 196 -27.68 5.16 17.96
C MET B 196 -28.94 6.00 17.73
N LYS B 197 -30.08 5.32 17.55
CA LYS B 197 -31.37 5.99 17.41
C LYS B 197 -31.95 6.23 18.79
N ILE B 198 -32.01 7.49 19.21
CA ILE B 198 -32.52 7.84 20.53
C ILE B 198 -34.02 8.10 20.51
N ASP B 199 -34.52 8.72 19.45
CA ASP B 199 -35.95 8.98 19.34
C ASP B 199 -36.35 9.01 17.87
N GLU B 200 -37.63 8.73 17.61
CA GLU B 200 -38.11 8.65 16.24
C GLU B 200 -39.62 8.82 16.25
N GLN B 201 -40.10 9.93 15.66
CA GLN B 201 -41.51 10.30 15.63
C GLN B 201 -41.87 10.81 14.24
N ASN B 202 -42.96 10.29 13.67
CA ASN B 202 -43.46 10.70 12.35
C ASN B 202 -42.35 10.71 11.29
N MET B 203 -41.59 9.62 11.24
CA MET B 203 -40.41 9.51 10.39
C MET B 203 -40.63 8.49 9.27
N GLN B 204 -40.61 8.96 8.01
CA GLN B 204 -40.63 8.09 6.82
C GLN B 204 -39.26 8.16 6.18
N GLY B 205 -38.62 7.00 6.01
CA GLY B 205 -37.31 6.95 5.38
C GLY B 205 -36.19 7.18 6.35
N GLY B 206 -35.05 7.68 5.87
CA GLY B 206 -33.91 7.98 6.72
C GLY B 206 -33.17 6.77 7.27
N ASN B 207 -33.25 5.62 6.62
CA ASN B 207 -32.42 4.50 7.03
C ASN B 207 -30.95 4.91 7.04
N SER B 208 -30.16 4.20 7.85
CA SER B 208 -28.73 4.23 7.66
C SER B 208 -28.39 3.51 6.35
N LEU B 209 -27.47 4.10 5.61
CA LEU B 209 -26.89 3.48 4.44
C LEU B 209 -25.51 2.93 4.81
N LEU B 210 -25.23 1.71 4.34
CA LEU B 210 -23.96 1.05 4.58
C LEU B 210 -23.41 0.48 3.27
N LEU B 211 -22.07 0.55 3.10
CA LEU B 211 -21.42 -0.09 1.95
C LEU B 211 -20.13 -0.72 2.45
N HIS B 212 -20.09 -2.05 2.41
CA HIS B 212 -18.87 -2.82 2.66
C HIS B 212 -18.02 -2.82 1.39
N LEU B 213 -16.73 -2.52 1.53
CA LEU B 213 -15.89 -2.42 0.34
C LEU B 213 -15.87 -3.71 -0.48
N ASP B 214 -16.05 -4.86 0.17
CA ASP B 214 -16.04 -6.10 -0.60
C ASP B 214 -17.37 -6.38 -1.29
N ASP B 215 -18.38 -5.52 -1.14
CA ASP B 215 -19.62 -5.57 -1.92
C ASP B 215 -19.66 -4.51 -2.99
N TRP B 216 -18.61 -3.69 -3.09
CA TRP B 216 -18.57 -2.57 -4.02
C TRP B 216 -18.05 -3.08 -5.35
N GLU B 217 -18.94 -3.18 -6.34
CA GLU B 217 -18.58 -3.73 -7.64
C GLU B 217 -17.53 -2.93 -8.38
N HIS B 218 -17.22 -1.70 -7.97
CA HIS B 218 -16.25 -0.87 -8.66
C HIS B 218 -14.94 -0.72 -7.88
N LEU B 219 -14.76 -1.55 -6.85
CA LEU B 219 -13.58 -1.43 -5.99
C LEU B 219 -12.29 -1.54 -6.79
N ASP B 220 -12.18 -2.57 -7.61
CA ASP B 220 -10.90 -2.83 -8.27
C ASP B 220 -10.61 -1.75 -9.31
N ASN B 221 -11.63 -1.32 -10.06
CA ASN B 221 -11.46 -0.20 -11.00
CA ASN B 221 -11.46 -0.20 -11.00
C ASN B 221 -10.78 0.99 -10.32
N TYR B 222 -11.27 1.38 -9.12
CA TYR B 222 -10.75 2.58 -8.47
C TYR B 222 -9.51 2.32 -7.63
N PHE B 223 -9.45 1.18 -6.94
CA PHE B 223 -8.27 0.87 -6.14
C PHE B 223 -7.03 0.73 -7.01
N ARG B 224 -7.17 0.23 -8.25
CA ARG B 224 -6.02 0.06 -9.14
C ARG B 224 -5.61 1.34 -9.85
N HIS B 225 -6.33 2.43 -9.63
CA HIS B 225 -5.97 3.69 -10.29
C HIS B 225 -4.83 4.38 -9.52
N PRO B 226 -3.87 5.00 -10.22
CA PRO B 226 -2.78 5.70 -9.52
C PRO B 226 -3.25 6.74 -8.50
N LEU B 227 -4.36 7.43 -8.76
CA LEU B 227 -4.81 8.46 -7.82
C LEU B 227 -5.29 7.86 -6.50
N ALA B 228 -5.58 6.55 -6.48
CA ALA B 228 -5.97 5.87 -5.25
C ALA B 228 -4.91 5.98 -4.19
N ARG B 229 -3.65 6.12 -4.62
CA ARG B 229 -2.49 6.14 -3.76
C ARG B 229 -1.91 7.54 -3.56
N ARG B 230 -2.41 8.51 -4.29
CA ARG B 230 -1.98 9.90 -4.18
C ARG B 230 -2.45 10.48 -2.85
N PRO B 231 -1.55 10.99 -2.00
CA PRO B 231 -2.01 11.71 -0.80
C PRO B 231 -2.68 13.02 -1.22
N MET B 232 -3.86 13.25 -0.69
CA MET B 232 -4.62 14.45 -1.00
C MET B 232 -4.90 15.22 0.30
N ARG B 233 -5.22 16.49 0.13
CA ARG B 233 -5.50 17.35 1.27
C ARG B 233 -6.92 17.14 1.77
N PHE B 234 -7.05 16.96 3.09
CA PHE B 234 -8.33 16.88 3.78
C PHE B 234 -8.43 18.03 4.77
N ALA B 235 -9.57 18.72 4.76
CA ALA B 235 -9.77 19.86 5.65
C ALA B 235 -11.23 19.92 6.06
N ALA B 236 -11.46 20.08 7.38
CA ALA B 236 -12.79 20.38 7.90
C ALA B 236 -13.03 21.90 7.89
N PRO B 237 -14.27 22.36 8.03
CA PRO B 237 -14.49 23.81 8.27
C PRO B 237 -14.26 24.16 9.72
N PRO B 238 -13.67 25.35 10.02
CA PRO B 238 -13.46 25.79 11.41
C PRO B 238 -14.77 26.10 12.15
N LYS B 244 -5.80 22.43 11.45
CA LYS B 244 -4.66 21.98 10.66
C LYS B 244 -5.00 20.91 9.59
N ASP B 245 -4.66 21.18 8.32
CA ASP B 245 -4.90 20.23 7.25
C ASP B 245 -4.04 18.99 7.39
N VAL B 246 -4.58 17.86 6.92
CA VAL B 246 -3.85 16.60 6.87
C VAL B 246 -3.87 16.09 5.43
N PHE B 247 -2.92 15.20 5.13
CA PHE B 247 -2.78 14.64 3.80
C PHE B 247 -2.67 13.14 3.92
N HIS B 248 -3.47 12.44 3.13
CA HIS B 248 -3.42 10.99 3.05
C HIS B 248 -4.19 10.59 1.81
N PRO B 249 -3.96 9.38 1.29
CA PRO B 249 -4.70 8.94 0.11
C PRO B 249 -6.13 8.54 0.47
N VAL B 250 -6.95 8.50 -0.57
CA VAL B 250 -8.35 8.10 -0.40
C VAL B 250 -8.45 6.63 -0.03
N PHE B 251 -7.59 5.80 -0.62
CA PHE B 251 -7.50 4.38 -0.33
C PHE B 251 -6.25 4.09 0.47
N ASP B 252 -6.30 2.98 1.19
CA ASP B 252 -5.14 2.42 1.86
C ASP B 252 -5.29 0.90 1.87
N VAL B 253 -4.41 0.20 2.60
CA VAL B 253 -4.56 -1.24 2.77
C VAL B 253 -4.56 -1.60 4.24
N ASP B 254 -5.19 -2.72 4.55
CA ASP B 254 -5.06 -3.31 5.88
C ASP B 254 -3.79 -4.17 5.89
N GLN B 255 -3.59 -4.90 6.97
CA GLN B 255 -2.34 -5.66 7.16
C GLN B 255 -2.14 -6.76 6.14
N GLN B 256 -3.21 -7.23 5.51
CA GLN B 256 -3.15 -8.31 4.56
C GLN B 256 -3.11 -7.79 3.12
N GLY B 257 -2.99 -6.48 2.93
CA GLY B 257 -2.97 -5.92 1.60
C GLY B 257 -4.32 -5.61 0.97
N ARG B 258 -5.41 -5.77 1.70
CA ARG B 258 -6.78 -5.56 1.22
C ARG B 258 -7.17 -4.09 1.35
N PRO B 259 -7.95 -3.57 0.40
CA PRO B 259 -8.22 -2.13 0.39
C PRO B 259 -9.06 -1.68 1.57
N VAL B 260 -8.69 -0.54 2.12
CA VAL B 260 -9.51 0.21 3.06
C VAL B 260 -9.68 1.62 2.51
N MET B 261 -10.61 2.39 3.09
CA MET B 261 -10.91 3.72 2.58
C MET B 261 -10.92 4.77 3.68
N ARG B 262 -10.52 5.98 3.31
CA ARG B 262 -10.54 7.15 4.18
CA ARG B 262 -10.53 7.16 4.17
C ARG B 262 -11.07 8.32 3.32
N TYR B 263 -12.36 8.25 2.99
CA TYR B 263 -12.99 9.13 2.01
C TYR B 263 -14.23 9.81 2.57
N ILE B 264 -14.35 11.11 2.27
CA ILE B 264 -15.61 11.84 2.40
C ILE B 264 -15.58 12.99 1.40
N ASP B 265 -16.71 13.20 0.71
CA ASP B 265 -16.72 14.16 -0.39
C ASP B 265 -16.58 15.60 0.09
N GLN B 266 -17.02 15.90 1.31
CA GLN B 266 -16.97 17.27 1.80
C GLN B 266 -15.59 17.72 2.25
N PHE B 267 -14.76 16.81 2.77
CA PHE B 267 -13.49 17.24 3.34
C PHE B 267 -12.29 16.97 2.43
N VAL B 268 -12.41 16.05 1.47
CA VAL B 268 -11.34 15.89 0.51
C VAL B 268 -11.28 17.12 -0.40
N GLN B 269 -10.06 17.62 -0.64
CA GLN B 269 -9.83 18.87 -1.35
C GLN B 269 -8.93 18.59 -2.54
N PRO B 270 -9.48 18.09 -3.63
CA PRO B 270 -8.67 17.89 -4.85
C PRO B 270 -7.91 19.16 -5.21
N LYS B 271 -6.63 19.00 -5.54
CA LYS B 271 -5.79 20.16 -5.77
C LYS B 271 -5.87 20.67 -7.19
N ASP B 272 -6.42 19.87 -8.11
CA ASP B 272 -6.43 20.27 -9.51
C ASP B 272 -7.52 19.48 -10.24
N PHE B 273 -7.60 19.73 -11.54
CA PHE B 273 -8.63 19.16 -12.42
C PHE B 273 -8.50 17.64 -12.49
N GLU B 274 -7.27 17.13 -12.49
CA GLU B 274 -7.07 15.68 -12.53
C GLU B 274 -7.63 15.01 -11.27
N GLU B 275 -7.22 15.49 -10.10
CA GLU B 275 -7.79 14.95 -8.86
C GLU B 275 -9.29 15.18 -8.81
N GLY B 276 -9.74 16.36 -9.26
CA GLY B 276 -11.13 16.70 -9.08
C GLY B 276 -12.05 15.79 -9.89
N VAL B 277 -11.73 15.62 -11.17
CA VAL B 277 -12.58 14.81 -12.03
C VAL B 277 -12.60 13.38 -11.55
N TRP B 278 -11.42 12.86 -11.15
CA TRP B 278 -11.39 11.48 -10.67
C TRP B 278 -12.26 11.31 -9.44
N LEU B 279 -12.17 12.25 -8.50
CA LEU B 279 -12.97 12.14 -7.28
C LEU B 279 -14.44 12.21 -7.59
N SER B 280 -14.82 13.01 -8.59
CA SER B 280 -16.22 13.10 -8.92
C SER B 280 -16.73 11.78 -9.53
N GLU B 281 -15.87 11.06 -10.27
CA GLU B 281 -16.27 9.75 -10.77
C GLU B 281 -16.34 8.73 -9.65
N LEU B 282 -15.36 8.77 -8.74
CA LEU B 282 -15.39 7.90 -7.56
C LEU B 282 -16.71 8.05 -6.80
N SER B 283 -17.09 9.30 -6.54
CA SER B 283 -18.33 9.62 -5.84
C SER B 283 -19.54 8.98 -6.52
N ASP B 284 -19.67 9.16 -7.83
CA ASP B 284 -20.75 8.49 -8.54
CA ASP B 284 -20.76 8.49 -8.55
C ASP B 284 -20.66 6.97 -8.43
N ALA B 285 -19.43 6.44 -8.50
CA ALA B 285 -19.28 4.99 -8.43
C ALA B 285 -19.70 4.46 -7.08
N ILE B 286 -19.50 5.24 -6.03
CA ILE B 286 -19.90 4.82 -4.70
C ILE B 286 -21.41 4.98 -4.53
N GLU B 287 -21.93 6.14 -4.88
CA GLU B 287 -23.32 6.47 -4.58
C GLU B 287 -24.30 5.59 -5.35
N THR B 288 -23.95 5.10 -6.54
CA THR B 288 -24.82 4.26 -7.35
C THR B 288 -24.56 2.76 -7.16
N SER B 289 -23.70 2.38 -6.21
CA SER B 289 -23.32 0.98 -6.09
C SER B 289 -24.53 0.10 -5.75
N LYS B 290 -24.61 -1.06 -6.41
CA LYS B 290 -25.65 -2.01 -6.10
C LYS B 290 -25.38 -2.78 -4.81
N GLY B 291 -24.25 -2.52 -4.17
CA GLY B 291 -23.90 -3.18 -2.92
C GLY B 291 -24.33 -2.46 -1.67
N ILE B 292 -24.95 -1.29 -1.81
CA ILE B 292 -25.34 -0.50 -0.65
C ILE B 292 -26.41 -1.22 0.16
N LEU B 293 -26.26 -1.22 1.47
CA LEU B 293 -27.30 -1.73 2.36
C LEU B 293 -28.17 -0.57 2.87
N SER B 294 -29.45 -0.85 3.07
CA SER B 294 -30.38 0.13 3.64
C SER B 294 -30.90 -0.40 4.97
N VAL B 295 -30.48 0.19 6.09
CA VAL B 295 -30.70 -0.45 7.38
C VAL B 295 -31.57 0.42 8.28
N PRO B 296 -32.81 0.02 8.59
CA PRO B 296 -33.57 0.72 9.63
C PRO B 296 -32.88 0.56 10.98
N VAL B 297 -32.81 1.65 11.73
CA VAL B 297 -32.30 1.62 13.10
C VAL B 297 -33.40 2.07 14.07
N PRO B 298 -34.17 1.14 14.62
CA PRO B 298 -35.25 1.52 15.55
C PRO B 298 -34.72 2.13 16.84
N VAL B 299 -35.62 2.85 17.52
CA VAL B 299 -35.26 3.52 18.78
C VAL B 299 -34.67 2.50 19.75
N GLY B 300 -33.49 2.83 20.28
CA GLY B 300 -32.77 1.95 21.18
C GLY B 300 -31.78 1.02 20.52
N LYS B 301 -31.72 0.99 19.19
CA LYS B 301 -30.72 0.20 18.48
C LYS B 301 -29.57 1.10 18.04
N PHE B 302 -28.38 0.53 17.93
CA PHE B 302 -27.28 1.27 17.35
C PHE B 302 -26.42 0.39 16.44
N LEU B 303 -25.93 1.03 15.39
CA LEU B 303 -24.91 0.46 14.54
C LEU B 303 -23.53 0.69 15.15
N LEU B 304 -22.69 -0.33 15.04
CA LEU B 304 -21.30 -0.30 15.47
C LEU B 304 -20.49 -0.93 14.34
N ILE B 305 -19.74 -0.12 13.59
CA ILE B 305 -19.13 -0.58 12.35
C ILE B 305 -17.64 -0.27 12.36
N ASN B 306 -16.90 -1.12 11.64
CA ASN B 306 -15.49 -0.90 11.35
C ASN B 306 -15.37 0.15 10.25
N ASN B 307 -14.91 1.34 10.65
CA ASN B 307 -14.84 2.53 9.81
C ASN B 307 -13.83 2.41 8.65
N LEU B 308 -13.03 1.33 8.61
CA LEU B 308 -11.97 1.22 7.60
C LEU B 308 -12.48 0.57 6.32
N PHE B 309 -13.37 -0.43 6.42
CA PHE B 309 -13.88 -1.08 5.22
C PHE B 309 -15.41 -1.05 5.11
N TRP B 310 -16.10 -0.29 5.96
CA TRP B 310 -17.50 0.09 5.76
C TRP B 310 -17.58 1.60 5.56
N LEU B 311 -18.31 2.01 4.55
CA LEU B 311 -18.78 3.39 4.46
C LEU B 311 -20.20 3.43 5.01
N HIS B 312 -20.59 4.59 5.53
CA HIS B 312 -21.95 4.78 6.02
C HIS B 312 -22.46 6.15 5.62
N GLY B 313 -23.78 6.26 5.56
CA GLY B 313 -24.43 7.51 5.29
C GLY B 313 -25.88 7.39 5.67
N ARG B 314 -26.70 8.28 5.14
CA ARG B 314 -28.09 8.28 5.58
C ARG B 314 -29.02 8.61 4.41
N ASP B 315 -30.11 7.85 4.31
CA ASP B 315 -31.07 8.01 3.23
C ASP B 315 -31.94 9.25 3.45
N ARG B 316 -32.56 9.73 2.36
CA ARG B 316 -33.53 10.82 2.42
C ARG B 316 -34.73 10.44 3.28
N PHE B 317 -35.44 11.46 3.78
CA PHE B 317 -36.65 11.20 4.54
C PHE B 317 -37.72 12.25 4.24
N THR B 318 -38.94 11.93 4.63
CA THR B 318 -40.06 12.79 4.32
C THR B 318 -40.13 13.94 5.32
N PRO B 319 -40.14 15.19 4.88
CA PRO B 319 -40.38 16.30 5.81
C PRO B 319 -41.79 16.21 6.37
N HIS B 320 -41.91 16.35 7.69
CA HIS B 320 -43.17 16.32 8.39
C HIS B 320 -43.16 17.37 9.51
N PRO B 321 -44.25 18.13 9.65
CA PRO B 321 -44.27 19.18 10.68
C PRO B 321 -44.00 18.69 12.10
N ASP B 322 -44.44 17.49 12.46
CA ASP B 322 -44.20 16.94 13.80
C ASP B 322 -43.10 15.91 13.79
N LEU B 323 -42.17 16.01 12.84
CA LEU B 323 -41.07 15.06 12.79
C LEU B 323 -40.11 15.30 13.95
N ARG B 324 -39.67 14.23 14.58
CA ARG B 324 -38.59 14.32 15.56
C ARG B 324 -37.70 13.10 15.42
N ARG B 325 -36.41 13.34 15.25
CA ARG B 325 -35.42 12.28 15.23
C ARG B 325 -34.26 12.68 16.12
N GLU B 326 -33.92 11.81 17.05
CA GLU B 326 -32.78 12.05 17.92
C GLU B 326 -31.76 10.94 17.71
N LEU B 327 -30.49 11.34 17.58
CA LEU B 327 -29.38 10.43 17.34
C LEU B 327 -28.28 10.62 18.39
N MET B 328 -27.50 9.58 18.60
CA MET B 328 -26.30 9.69 19.40
C MET B 328 -25.16 9.00 18.67
N ARG B 329 -24.02 9.67 18.57
CA ARG B 329 -22.87 9.10 17.91
C ARG B 329 -21.68 9.07 18.86
N GLN B 330 -20.83 8.06 18.66
CA GLN B 330 -19.48 7.97 19.20
C GLN B 330 -18.58 7.47 18.09
N ARG B 331 -17.32 7.91 18.14
CA ARG B 331 -16.28 7.47 17.23
C ARG B 331 -15.02 7.24 18.04
N GLY B 332 -14.25 6.22 17.68
CA GLY B 332 -12.99 6.00 18.36
C GLY B 332 -12.10 4.99 17.66
N TYR B 333 -11.10 4.55 18.40
CA TYR B 333 -10.10 3.59 17.94
C TYR B 333 -10.26 2.29 18.72
N PHE B 334 -9.86 1.19 18.07
CA PHE B 334 -9.81 -0.09 18.74
C PHE B 334 -8.64 -0.14 19.72
N ALA B 335 -8.84 -0.82 20.86
CA ALA B 335 -7.76 -1.14 21.76
C ALA B 335 -8.11 -2.41 22.52
N TYR B 336 -7.21 -3.40 22.48
CA TYR B 336 -7.52 -4.73 23.00
C TYR B 336 -6.24 -5.53 23.16
N ALA B 337 -6.32 -6.55 24.01
CA ALA B 337 -5.19 -7.43 24.22
C ALA B 337 -5.13 -8.48 23.12
N SER B 338 -3.90 -8.85 22.76
CA SER B 338 -3.63 -9.94 21.83
C SER B 338 -2.22 -10.45 22.06
N ASN B 339 -2.00 -11.69 21.68
CA ASN B 339 -0.66 -12.25 21.79
C ASN B 339 0.17 -11.70 20.63
N HIS B 340 1.21 -10.92 20.95
CA HIS B 340 2.04 -10.32 19.93
C HIS B 340 3.34 -9.85 20.57
N TYR B 341 4.27 -9.44 19.72
CA TYR B 341 5.64 -9.21 20.15
C TYR B 341 5.80 -7.83 20.77
N GLN B 342 6.71 -7.76 21.72
CA GLN B 342 7.17 -6.53 22.33
C GLN B 342 8.67 -6.68 22.56
N THR B 343 9.31 -5.60 23.01
CA THR B 343 10.71 -5.65 23.36
C THR B 343 10.90 -5.23 24.82
N HIS B 344 12.08 -5.55 25.35
CA HIS B 344 12.53 -5.19 26.70
C HIS B 344 11.64 -5.75 27.80
N GLN B 345 11.81 -5.26 29.03
CA GLN B 345 11.09 -5.84 30.16
C GLN B 345 10.42 -4.79 31.03
FE FE2 C . 22.89 -6.40 -6.85
C1 GUA D . 23.31 -1.87 -3.43
C2 GUA D . 22.85 -2.93 -2.45
C3 GUA D . 23.18 -4.33 -2.96
C4 GUA D . 24.70 -4.57 -2.93
C5 GUA D . 24.97 -5.92 -3.59
O1 GUA D . 23.30 -0.65 -3.12
O2 GUA D . 23.70 -2.21 -4.58
O3 GUA D . 24.92 -6.02 -4.86
O4 GUA D . 25.22 -6.91 -2.87
FE FE2 E . -20.37 9.82 9.56
C1 GUA F . -15.97 12.89 11.31
C2 GUA F . -16.13 13.18 9.83
C3 GUA F . -17.57 12.89 9.46
C4 GUA F . -18.48 14.10 9.73
C5 GUA F . -19.92 13.71 9.43
O1 GUA F . -16.99 12.74 12.03
O2 GUA F . -14.83 12.79 11.82
O3 GUA F . -20.64 14.50 8.77
O4 GUA F . -20.39 12.61 9.83
#